data_6GZD
#
_entry.id   6GZD
#
_cell.length_a   113.383
_cell.length_b   113.383
_cell.length_c   80.878
_cell.angle_alpha   90.00
_cell.angle_beta   90.00
_cell.angle_gamma   90.00
#
_symmetry.space_group_name_H-M   'I 41'
#
loop_
_entity.id
_entity.type
_entity.pdbx_description
1 polymer 'Casein kinase I isoform alpha'
2 non-polymer 'DIMETHYL SULFOXIDE'
3 non-polymer 'TRIETHYLENE GLYCOL'
4 non-polymer 1,2-ETHANEDIOL
5 non-polymer DI(HYDROXYETHYL)ETHER
6 non-polymer "3,3',3''-phosphanetriyltripropanoic acid"
7 non-polymer [4-[[4-[5-(cyclopropylmethyl)-1-methyl-pyrazol-4-yl]-5-fluoranyl-pyrimidin-2-yl]amino]cyclohexyl]azanium
8 water water
#
_entity_poly.entity_id   1
_entity_poly.type   'polypeptide(L)'
_entity_poly.pdbx_seq_one_letter_code
;MGSSHHHHHHSSGVDLWSHPQFEKGTENLYFQGGGGRMASSSGSKAEFIVGGKYKLGRKIGSGSFGDIYLATNITNGEEV
AVKLESQKARHPQLHYESKLYKILQGGVGIPHIRWYGQEKDYNVLVMDLLGPSLEDLFNFCSRRFTMKTVLMLADQMISR
IEYVHTKNFIHRDIKPDNFLMGIGRHCNKLFLIDFGLAKKYRDNRTRQHIPYREDKNLTGTARYASINAHLGIEQSRRDD
MESLGYVLMYFNRTSLPWQGLKAATKKQKYEKISEKKMSTPVEVLCKGFPAEFAMYLNYCRGLRFEEAPDYMYLRQLFRI
LFRTLNHQYDYTFDWTMLKQKAAQQAASSSGQGQQAQTPTGKQTDKTKSNMKGF
;
_entity_poly.pdbx_strand_id   A
#
loop_
_chem_comp.id
_chem_comp.type
_chem_comp.name
_chem_comp.formula
DMS non-polymer 'DIMETHYL SULFOXIDE' 'C2 H6 O S'
EDO non-polymer 1,2-ETHANEDIOL 'C2 H6 O2'
LCI non-polymer [4-[[4-[5-(cyclopropylmethyl)-1-methyl-pyrazol-4-yl]-5-fluoranyl-pyrimidin-2-yl]amino]cyclohexyl]azanium 'C18 H26 F N6 1'
PEG non-polymer DI(HYDROXYETHYL)ETHER 'C4 H10 O3'
PGE non-polymer 'TRIETHYLENE GLYCOL' 'C6 H14 O4'
TCE non-polymer '3,3',3''-phosphanetriyltripropanoic acid' 'C9 H15 O6 P'
#
# COMPACT_ATOMS: atom_id res chain seq x y z
N ALA A 46 34.47 -1.89 0.01
CA ALA A 46 33.96 -1.76 -1.41
C ALA A 46 33.48 -0.33 -1.72
N GLU A 47 32.89 -0.11 -2.91
CA GLU A 47 32.63 1.24 -3.42
C GLU A 47 31.56 2.07 -2.67
N PHE A 48 30.53 1.43 -2.10
CA PHE A 48 29.45 2.18 -1.39
C PHE A 48 28.92 1.49 -0.13
N ILE A 49 29.37 1.98 1.04
CA ILE A 49 29.00 1.41 2.33
C ILE A 49 28.39 2.50 3.23
N VAL A 50 27.26 2.23 3.81
CA VAL A 50 26.50 3.19 4.61
C VAL A 50 26.47 2.72 6.06
N GLY A 51 26.40 3.67 6.99
CA GLY A 51 26.43 3.38 8.43
C GLY A 51 27.57 2.48 8.87
N GLY A 52 28.72 2.62 8.20
CA GLY A 52 29.90 1.81 8.48
C GLY A 52 29.83 0.30 8.30
N LYS A 53 28.77 -0.24 7.68
CA LYS A 53 28.63 -1.72 7.53
C LYS A 53 27.66 -2.34 6.51
N TYR A 54 26.85 -1.54 5.79
CA TYR A 54 25.92 -2.10 4.78
C TYR A 54 26.42 -1.81 3.37
N LYS A 55 26.98 -2.83 2.73
CA LYS A 55 27.55 -2.69 1.38
C LYS A 55 26.43 -2.76 0.34
N LEU A 56 26.20 -1.63 -0.34
CA LEU A 56 25.14 -1.54 -1.35
C LEU A 56 25.51 -2.29 -2.62
N GLY A 57 24.59 -3.14 -3.08
CA GLY A 57 24.74 -3.89 -4.32
C GLY A 57 23.89 -3.26 -5.40
N ARG A 58 23.21 -4.10 -6.17
CA ARG A 58 22.39 -3.63 -7.30
C ARG A 58 21.13 -2.85 -6.87
N LYS A 59 20.64 -2.02 -7.79
CA LYS A 59 19.33 -1.38 -7.65
C LYS A 59 18.23 -2.44 -7.77
N ILE A 60 17.24 -2.37 -6.90
CA ILE A 60 16.08 -3.27 -6.94
C ILE A 60 14.76 -2.55 -7.27
N GLY A 61 14.77 -1.22 -7.35
CA GLY A 61 13.59 -0.46 -7.76
C GLY A 61 13.61 0.99 -7.34
N SER A 62 12.47 1.66 -7.49
CA SER A 62 12.26 3.05 -7.08
C SER A 62 10.96 3.18 -6.28
N GLY A 63 10.94 4.12 -5.34
CA GLY A 63 9.80 4.35 -4.46
C GLY A 63 9.12 5.69 -4.66
N SER A 64 8.56 6.22 -3.58
CA SER A 64 7.87 7.50 -3.60
C SER A 64 8.86 8.65 -3.71
N PHE A 65 9.85 8.68 -2.80
CA PHE A 65 10.88 9.72 -2.77
C PHE A 65 12.28 9.10 -2.65
N GLY A 66 12.70 8.34 -3.67
CA GLY A 66 14.06 7.80 -3.72
C GLY A 66 14.20 6.43 -4.39
N ASP A 67 15.44 5.93 -4.39
CA ASP A 67 15.77 4.64 -5.00
C ASP A 67 16.15 3.60 -3.96
N ILE A 68 15.86 2.33 -4.27
CA ILE A 68 16.01 1.22 -3.33
C ILE A 68 17.08 0.25 -3.83
N TYR A 69 17.97 -0.14 -2.94
CA TYR A 69 19.05 -1.07 -3.27
C TYR A 69 19.07 -2.28 -2.35
N LEU A 70 19.47 -3.43 -2.90
CA LEU A 70 19.89 -4.57 -2.10
C LEU A 70 21.22 -4.21 -1.43
N ALA A 71 21.41 -4.67 -0.21
CA ALA A 71 22.69 -4.52 0.50
C ALA A 71 22.96 -5.72 1.37
N THR A 72 24.19 -5.79 1.85
CA THR A 72 24.62 -6.87 2.75
C THR A 72 25.34 -6.27 3.96
N ASN A 73 24.96 -6.73 5.14
CA ASN A 73 25.66 -6.37 6.38
C ASN A 73 26.96 -7.16 6.39
N ILE A 74 28.08 -6.44 6.32
CA ILE A 74 29.41 -7.04 6.20
C ILE A 74 29.90 -7.75 7.47
N THR A 75 29.28 -7.47 8.62
CA THR A 75 29.69 -8.08 9.90
C THR A 75 29.01 -9.42 10.20
N ASN A 76 27.81 -9.65 9.64
CA ASN A 76 27.10 -10.92 9.82
C ASN A 76 26.56 -11.58 8.55
N GLY A 77 26.68 -10.92 7.40
CA GLY A 77 26.20 -11.47 6.13
C GLY A 77 24.70 -11.36 5.83
N GLU A 78 23.94 -10.62 6.64
CA GLU A 78 22.49 -10.50 6.43
C GLU A 78 22.18 -9.56 5.26
N GLU A 79 21.27 -9.97 4.38
CA GLU A 79 20.82 -9.12 3.29
C GLU A 79 19.68 -8.16 3.75
N VAL A 80 19.78 -6.90 3.35
CA VAL A 80 18.84 -5.83 3.73
C VAL A 80 18.50 -4.95 2.53
N ALA A 81 17.49 -4.09 2.68
CA ALA A 81 17.15 -3.10 1.67
C ALA A 81 17.58 -1.72 2.14
N VAL A 82 18.02 -0.90 1.19
CA VAL A 82 18.55 0.43 1.50
C VAL A 82 17.84 1.45 0.62
N LYS A 83 17.34 2.52 1.22
CA LYS A 83 16.63 3.58 0.50
C LYS A 83 17.53 4.80 0.54
N LEU A 84 17.87 5.31 -0.65
CA LEU A 84 18.72 6.51 -0.77
C LEU A 84 17.92 7.67 -1.34
N GLU A 85 17.93 8.77 -0.59
CA GLU A 85 17.38 10.06 -1.02
C GLU A 85 18.56 11.04 -1.13
N SER A 86 18.69 11.68 -2.29
CA SER A 86 19.71 12.72 -2.47
C SER A 86 19.45 13.87 -1.48
N GLN A 87 20.52 14.37 -0.87
N GLN A 87 20.52 14.39 -0.89
CA GLN A 87 20.44 15.40 0.15
CA GLN A 87 20.40 15.43 0.14
C GLN A 87 20.15 16.76 -0.50
C GLN A 87 19.89 16.76 -0.45
N LYS A 88 20.48 16.87 -1.78
N LYS A 88 20.02 16.90 -1.76
CA LYS A 88 20.12 18.03 -2.57
CA LYS A 88 19.40 18.00 -2.49
C LYS A 88 18.68 17.90 -3.04
C LYS A 88 18.46 17.45 -3.58
N ALA A 89 17.74 18.19 -2.14
N ALA A 89 17.18 17.78 -3.46
CA ALA A 89 16.32 18.10 -2.45
CA ALA A 89 16.17 17.36 -4.42
C ALA A 89 15.58 19.31 -1.88
C ALA A 89 15.00 18.33 -4.42
N ARG A 90 14.85 20.00 -2.75
N ARG A 90 13.79 17.82 -4.63
CA ARG A 90 14.09 21.18 -2.35
CA ARG A 90 12.60 18.65 -4.57
C ARG A 90 13.31 20.90 -1.07
C ARG A 90 11.61 18.09 -3.55
N HIS A 91 12.77 19.68 -0.99
N HIS A 91 12.11 17.39 -2.55
CA HIS A 91 12.02 19.26 0.18
CA HIS A 91 11.28 16.79 -1.50
C HIS A 91 12.30 17.79 0.52
C HIS A 91 12.13 16.06 -0.47
N PRO A 92 13.22 17.56 1.47
N PRO A 92 12.55 16.76 0.60
CA PRO A 92 13.63 16.22 1.86
CA PRO A 92 13.40 16.26 1.66
C PRO A 92 12.68 15.60 2.88
C PRO A 92 12.61 15.63 2.81
N GLN A 93 12.22 14.37 2.62
CA GLN A 93 11.25 13.67 3.50
C GLN A 93 11.74 12.40 4.20
N LEU A 94 12.92 11.89 3.88
CA LEU A 94 13.30 10.56 4.39
C LEU A 94 13.29 10.50 5.89
N HIS A 95 13.79 11.55 6.51
CA HIS A 95 13.74 11.67 7.97
C HIS A 95 12.28 11.49 8.48
N TYR A 96 11.34 12.07 7.75
CA TYR A 96 9.90 11.96 8.06
C TYR A 96 9.39 10.50 7.95
N GLU A 97 9.65 9.84 6.83
CA GLU A 97 9.27 8.44 6.65
C GLU A 97 9.91 7.51 7.68
N SER A 98 11.17 7.77 8.02
CA SER A 98 11.85 6.97 9.05
C SER A 98 11.19 7.16 10.43
N LYS A 99 10.72 8.36 10.73
CA LYS A 99 9.94 8.63 11.95
C LYS A 99 8.61 7.85 11.98
N LEU A 100 7.94 7.77 10.83
CA LEU A 100 6.71 6.99 10.72
C LEU A 100 6.95 5.49 10.94
N TYR A 101 7.98 4.96 10.29
CA TYR A 101 8.37 3.57 10.50
C TYR A 101 8.65 3.27 11.96
N LYS A 102 9.29 4.20 12.67
CA LYS A 102 9.59 4.00 14.12
C LYS A 102 8.33 3.96 14.95
N ILE A 103 7.42 4.89 14.68
CA ILE A 103 6.09 4.90 15.30
C ILE A 103 5.36 3.56 15.09
N LEU A 104 5.47 2.98 13.89
CA LEU A 104 4.76 1.75 13.52
C LEU A 104 5.40 0.43 13.96
N GLN A 105 6.60 0.46 14.55
CA GLN A 105 7.31 -0.78 14.92
C GLN A 105 6.49 -1.58 15.92
N GLY A 106 6.43 -2.90 15.72
CA GLY A 106 5.58 -3.76 16.54
C GLY A 106 4.34 -4.24 15.82
N GLY A 107 3.98 -3.57 14.71
CA GLY A 107 2.91 -4.06 13.83
C GLY A 107 3.29 -5.31 13.07
N VAL A 108 2.33 -6.19 12.84
CA VAL A 108 2.56 -7.35 12.00
C VAL A 108 2.69 -6.83 10.54
N GLY A 109 3.73 -7.25 9.85
CA GLY A 109 3.98 -6.78 8.49
C GLY A 109 4.41 -5.32 8.37
N ILE A 110 5.05 -4.81 9.40
CA ILE A 110 5.75 -3.53 9.33
C ILE A 110 7.24 -3.89 9.36
N PRO A 111 8.01 -3.41 8.36
CA PRO A 111 9.44 -3.74 8.35
C PRO A 111 10.21 -3.02 9.46
N HIS A 112 11.22 -3.70 9.98
CA HIS A 112 12.09 -3.15 11.02
C HIS A 112 13.13 -2.25 10.36
N ILE A 113 13.43 -1.14 11.03
CA ILE A 113 14.45 -0.21 10.56
C ILE A 113 15.74 -0.59 11.24
N ARG A 114 16.83 -0.59 10.48
CA ARG A 114 18.16 -0.90 10.99
C ARG A 114 18.95 0.34 11.29
N TRP A 115 18.86 1.33 10.40
CA TRP A 115 19.65 2.53 10.53
C TRP A 115 19.06 3.68 9.73
N TYR A 116 19.13 4.89 10.29
CA TYR A 116 18.91 6.13 9.55
C TYR A 116 20.14 7.04 9.68
N GLY A 117 20.52 7.69 8.59
CA GLY A 117 21.60 8.69 8.62
C GLY A 117 21.97 9.27 7.27
N GLN A 118 23.10 9.93 7.26
CA GLN A 118 23.66 10.61 6.07
C GLN A 118 24.98 9.96 5.65
N GLU A 119 25.14 9.73 4.34
CA GLU A 119 26.36 9.15 3.77
C GLU A 119 26.64 9.75 2.40
N LYS A 120 27.81 10.36 2.25
CA LYS A 120 28.18 11.12 1.05
C LYS A 120 27.17 12.25 0.83
N ASP A 121 26.50 12.31 -0.33
CA ASP A 121 25.49 13.35 -0.59
C ASP A 121 24.04 12.84 -0.44
N TYR A 122 23.83 11.79 0.36
CA TYR A 122 22.53 11.12 0.47
C TYR A 122 22.03 11.02 1.91
N ASN A 123 20.72 11.16 2.07
CA ASN A 123 20.02 10.65 3.26
C ASN A 123 19.79 9.15 3.01
N VAL A 124 19.97 8.34 4.06
CA VAL A 124 19.99 6.86 3.95
C VAL A 124 19.08 6.19 5.00
N LEU A 125 18.23 5.27 4.54
CA LEU A 125 17.39 4.44 5.43
C LEU A 125 17.60 2.98 5.08
N VAL A 126 17.98 2.18 6.09
CA VAL A 126 18.23 0.74 5.94
C VAL A 126 17.11 -0.06 6.64
N MET A 127 16.57 -1.07 5.96
CA MET A 127 15.44 -1.84 6.52
C MET A 127 15.45 -3.31 6.11
N ASP A 128 14.56 -4.10 6.72
CA ASP A 128 14.28 -5.50 6.29
C ASP A 128 14.20 -5.56 4.79
N LEU A 129 14.80 -6.60 4.21
CA LEU A 129 14.57 -6.94 2.81
C LEU A 129 13.26 -7.72 2.76
N LEU A 130 12.44 -7.38 1.76
CA LEU A 130 11.15 -8.01 1.58
C LEU A 130 11.10 -8.60 0.17
N GLY A 131 10.07 -9.41 -0.05
CA GLY A 131 9.87 -10.12 -1.30
C GLY A 131 9.07 -9.32 -2.28
N PRO A 132 8.50 -9.98 -3.30
CA PRO A 132 7.81 -9.26 -4.38
C PRO A 132 6.51 -8.56 -3.99
N SER A 133 6.14 -7.54 -4.77
CA SER A 133 4.89 -6.82 -4.57
C SER A 133 3.73 -7.65 -5.08
N LEU A 134 2.51 -7.23 -4.77
CA LEU A 134 1.33 -7.91 -5.30
C LEU A 134 1.15 -7.69 -6.80
N GLU A 135 1.69 -6.60 -7.34
CA GLU A 135 1.69 -6.36 -8.79
C GLU A 135 2.64 -7.35 -9.47
N ASP A 136 3.84 -7.53 -8.91
CA ASP A 136 4.81 -8.50 -9.44
C ASP A 136 4.19 -9.90 -9.49
N LEU A 137 3.57 -10.30 -8.38
CA LEU A 137 2.94 -11.61 -8.28
C LEU A 137 1.72 -11.71 -9.19
N PHE A 138 0.99 -10.62 -9.35
CA PHE A 138 -0.16 -10.62 -10.27
C PHE A 138 0.30 -10.93 -11.71
N ASN A 139 1.39 -10.28 -12.15
CA ASN A 139 1.98 -10.54 -13.48
C ASN A 139 2.53 -11.96 -13.61
N PHE A 140 3.19 -12.44 -12.56
CA PHE A 140 3.68 -13.82 -12.46
C PHE A 140 2.57 -14.87 -12.65
N CYS A 141 1.35 -14.54 -12.20
CA CYS A 141 0.16 -15.40 -12.40
C CYS A 141 -0.65 -15.04 -13.66
N SER A 142 -0.01 -14.35 -14.62
CA SER A 142 -0.66 -13.94 -15.86
C SER A 142 -1.88 -13.05 -15.64
N ARG A 143 -1.75 -12.13 -14.68
CA ARG A 143 -2.79 -11.15 -14.34
C ARG A 143 -4.16 -11.80 -14.11
N ARG A 144 -4.14 -12.91 -13.37
CA ARG A 144 -5.36 -13.58 -12.89
C ARG A 144 -5.11 -14.10 -11.47
N PHE A 145 -6.02 -13.79 -10.53
CA PHE A 145 -6.01 -14.42 -9.19
C PHE A 145 -7.34 -15.13 -8.96
N THR A 146 -7.25 -16.31 -8.37
CA THR A 146 -8.43 -17.04 -7.92
C THR A 146 -9.09 -16.33 -6.76
N MET A 147 -10.34 -16.68 -6.53
CA MET A 147 -11.11 -16.14 -5.44
C MET A 147 -10.43 -16.43 -4.08
N LYS A 148 -9.89 -17.65 -3.92
CA LYS A 148 -9.23 -18.05 -2.69
C LYS A 148 -8.05 -17.11 -2.38
N THR A 149 -7.23 -16.84 -3.39
CA THR A 149 -6.12 -15.92 -3.24
C THR A 149 -6.57 -14.49 -2.90
N VAL A 150 -7.60 -14.01 -3.57
CA VAL A 150 -8.07 -12.65 -3.34
C VAL A 150 -8.55 -12.47 -1.89
N LEU A 151 -9.28 -13.46 -1.37
CA LEU A 151 -9.83 -13.42 -0.02
C LEU A 151 -8.77 -13.61 1.06
N MET A 152 -7.76 -14.44 0.81
CA MET A 152 -6.65 -14.57 1.75
C MET A 152 -5.88 -13.27 1.83
N LEU A 153 -5.66 -12.61 0.69
CA LEU A 153 -4.96 -11.33 0.67
C LEU A 153 -5.76 -10.22 1.39
N ALA A 154 -7.06 -10.16 1.07
CA ALA A 154 -7.98 -9.20 1.69
C ALA A 154 -7.92 -9.21 3.23
N ASP A 155 -7.86 -10.39 3.83
CA ASP A 155 -7.83 -10.53 5.27
C ASP A 155 -6.60 -9.80 5.84
N GLN A 156 -5.44 -10.00 5.22
CA GLN A 156 -4.22 -9.30 5.65
C GLN A 156 -4.19 -7.81 5.31
N MET A 157 -4.70 -7.44 4.14
CA MET A 157 -4.66 -6.04 3.70
CA MET A 157 -4.68 -6.03 3.68
C MET A 157 -5.49 -5.13 4.60
N ILE A 158 -6.68 -5.58 4.97
CA ILE A 158 -7.53 -4.80 5.88
C ILE A 158 -6.79 -4.57 7.22
N SER A 159 -6.12 -5.60 7.73
N SER A 159 -6.11 -5.59 7.74
CA SER A 159 -5.37 -5.56 8.99
CA SER A 159 -5.38 -5.50 9.00
C SER A 159 -4.13 -4.65 8.93
C SER A 159 -4.13 -4.63 8.93
N ARG A 160 -3.40 -4.67 7.81
CA ARG A 160 -2.24 -3.79 7.63
C ARG A 160 -2.66 -2.32 7.66
N ILE A 161 -3.75 -2.02 6.96
CA ILE A 161 -4.31 -0.67 6.94
C ILE A 161 -4.84 -0.26 8.33
N GLU A 162 -5.56 -1.17 8.99
CA GLU A 162 -6.08 -0.92 10.32
C GLU A 162 -4.96 -0.49 11.27
N TYR A 163 -3.87 -1.24 11.30
CA TYR A 163 -2.76 -0.90 12.21
C TYR A 163 -2.24 0.53 12.04
N VAL A 164 -2.07 0.95 10.80
CA VAL A 164 -1.60 2.31 10.48
C VAL A 164 -2.58 3.37 11.03
N HIS A 165 -3.87 3.10 10.83
CA HIS A 165 -4.94 3.92 11.37
C HIS A 165 -4.98 4.01 12.90
N THR A 166 -4.68 2.91 13.61
CA THR A 166 -4.68 2.92 15.07
C THR A 166 -3.54 3.78 15.62
N LYS A 167 -2.49 3.98 14.83
CA LYS A 167 -1.40 4.90 15.19
C LYS A 167 -1.63 6.33 14.69
N ASN A 168 -2.86 6.61 14.26
CA ASN A 168 -3.34 7.96 13.88
C ASN A 168 -2.84 8.48 12.53
N PHE A 169 -2.47 7.55 11.66
CA PHE A 169 -2.05 7.89 10.32
C PHE A 169 -2.95 7.24 9.28
N ILE A 170 -3.07 7.91 8.14
CA ILE A 170 -3.64 7.32 6.91
C ILE A 170 -2.50 7.20 5.87
N HIS A 171 -2.59 6.21 5.00
CA HIS A 171 -1.51 5.89 4.07
C HIS A 171 -1.54 6.80 2.84
N ARG A 172 -2.72 6.93 2.26
CA ARG A 172 -3.01 7.77 1.08
C ARG A 172 -2.43 7.32 -0.27
N ASP A 173 -1.93 6.08 -0.35
CA ASP A 173 -1.44 5.53 -1.63
C ASP A 173 -1.53 4.00 -1.62
N ILE A 174 -2.75 3.52 -1.39
CA ILE A 174 -3.05 2.10 -1.31
C ILE A 174 -3.08 1.60 -2.75
N LYS A 175 -2.15 0.70 -3.08
CA LYS A 175 -2.06 0.09 -4.42
C LYS A 175 -1.26 -1.22 -4.32
N PRO A 176 -1.40 -2.13 -5.33
CA PRO A 176 -0.71 -3.42 -5.34
C PRO A 176 0.80 -3.36 -5.16
N ASP A 177 1.42 -2.34 -5.74
CA ASP A 177 2.87 -2.09 -5.64
C ASP A 177 3.37 -1.81 -4.21
N ASN A 178 2.49 -1.35 -3.32
CA ASN A 178 2.86 -1.02 -1.93
C ASN A 178 2.58 -2.14 -0.93
N PHE A 179 2.06 -3.28 -1.41
CA PHE A 179 1.93 -4.48 -0.61
C PHE A 179 2.96 -5.51 -1.06
N LEU A 180 3.88 -5.88 -0.16
CA LEU A 180 4.94 -6.85 -0.44
C LEU A 180 4.80 -8.09 0.45
N MET A 181 4.92 -9.28 -0.13
CA MET A 181 5.14 -10.50 0.66
C MET A 181 6.55 -10.47 1.24
N GLY A 182 6.72 -11.12 2.38
CA GLY A 182 8.03 -11.22 3.02
C GLY A 182 8.83 -12.35 2.40
N ILE A 183 9.92 -12.72 3.08
CA ILE A 183 10.81 -13.80 2.62
C ILE A 183 11.24 -14.67 3.80
N GLY A 184 11.76 -15.85 3.48
CA GLY A 184 12.14 -16.82 4.51
C GLY A 184 10.88 -17.32 5.20
N ARG A 185 10.87 -17.29 6.53
CA ARG A 185 9.69 -17.70 7.29
C ARG A 185 8.54 -16.69 7.21
N HIS A 186 8.81 -15.49 6.71
CA HIS A 186 7.79 -14.46 6.51
C HIS A 186 7.21 -14.41 5.09
N CYS A 187 7.41 -15.48 4.30
CA CYS A 187 6.98 -15.46 2.90
C CYS A 187 5.45 -15.48 2.69
N ASN A 188 4.67 -15.86 3.71
CA ASN A 188 3.20 -15.77 3.66
C ASN A 188 2.63 -14.57 4.45
N LYS A 189 3.51 -13.71 4.95
CA LYS A 189 3.14 -12.50 5.63
C LYS A 189 3.16 -11.32 4.64
N LEU A 190 2.06 -10.60 4.54
CA LEU A 190 1.98 -9.39 3.72
C LEU A 190 2.44 -8.13 4.53
N PHE A 191 3.20 -7.26 3.87
CA PHE A 191 3.71 -6.01 4.44
C PHE A 191 3.15 -4.84 3.64
N LEU A 192 2.60 -3.82 4.32
CA LEU A 192 2.26 -2.53 3.68
C LEU A 192 3.41 -1.56 3.93
N ILE A 193 3.93 -0.99 2.85
CA ILE A 193 5.11 -0.13 2.91
C ILE A 193 4.89 1.17 2.13
N ASP A 194 5.90 2.03 2.19
CA ASP A 194 5.93 3.34 1.52
C ASP A 194 4.98 4.37 2.18
N PHE A 195 5.51 5.04 3.19
CA PHE A 195 4.80 6.03 3.96
C PHE A 195 5.18 7.46 3.61
N GLY A 196 5.69 7.66 2.38
CA GLY A 196 6.07 8.99 1.92
C GLY A 196 4.92 9.99 1.82
N LEU A 197 3.75 9.49 1.45
CA LEU A 197 2.54 10.31 1.32
C LEU A 197 1.60 10.25 2.54
N ALA A 198 2.03 9.57 3.59
CA ALA A 198 1.15 9.30 4.73
C ALA A 198 1.02 10.55 5.59
N LYS A 199 -0.09 10.65 6.32
CA LYS A 199 -0.46 11.87 7.01
C LYS A 199 -1.18 11.57 8.32
N LYS A 200 -0.86 12.34 9.35
CA LYS A 200 -1.57 12.26 10.62
C LYS A 200 -3.00 12.75 10.39
N TYR A 201 -4.01 11.92 10.70
CA TYR A 201 -5.44 12.30 10.46
C TYR A 201 -6.14 12.77 11.73
N ARG A 202 -5.56 12.49 12.89
CA ARG A 202 -6.13 12.94 14.15
C ARG A 202 -5.13 13.07 15.31
N ASP A 203 -5.54 13.87 16.29
CA ASP A 203 -4.74 14.17 17.48
C ASP A 203 -4.75 12.96 18.42
N ASN A 204 -3.60 12.66 19.03
CA ASN A 204 -3.49 11.48 19.91
C ASN A 204 -4.39 11.56 21.15
N ARG A 205 -4.41 12.73 21.80
CA ARG A 205 -5.18 12.93 23.04
C ARG A 205 -6.69 12.96 22.79
N THR A 206 -7.14 13.92 21.97
CA THR A 206 -8.56 14.21 21.79
C THR A 206 -9.26 13.38 20.71
N ARG A 207 -8.48 12.80 19.79
CA ARG A 207 -9.00 12.12 18.58
C ARG A 207 -9.83 13.03 17.65
N GLN A 208 -9.65 14.34 17.80
CA GLN A 208 -10.24 15.30 16.87
C GLN A 208 -9.50 15.11 15.55
N HIS A 209 -10.26 15.07 14.47
CA HIS A 209 -9.71 14.92 13.14
C HIS A 209 -9.09 16.19 12.66
N ILE A 210 -8.23 16.05 11.67
CA ILE A 210 -7.84 17.19 10.83
C ILE A 210 -9.10 17.86 10.26
N PRO A 211 -9.00 19.15 9.88
CA PRO A 211 -10.22 19.83 9.45
C PRO A 211 -10.77 19.29 8.13
N TYR A 212 -12.10 19.25 8.02
CA TYR A 212 -12.75 18.87 6.78
C TYR A 212 -12.61 20.05 5.84
N ARG A 213 -12.08 19.79 4.66
CA ARG A 213 -11.81 20.84 3.69
C ARG A 213 -11.64 20.25 2.29
N GLU A 214 -11.56 21.16 1.32
CA GLU A 214 -11.65 20.87 -0.10
C GLU A 214 -10.40 21.45 -0.75
N ASP A 215 -10.35 21.42 -2.07
CA ASP A 215 -9.23 21.99 -2.83
C ASP A 215 -7.85 21.37 -2.47
N LYS A 216 -7.86 20.05 -2.21
CA LYS A 216 -6.63 19.25 -2.06
C LYS A 216 -6.27 18.63 -3.40
N ASN A 217 -4.97 18.58 -3.71
CA ASN A 217 -4.48 17.85 -4.87
C ASN A 217 -4.54 16.35 -4.62
N LEU A 218 -4.97 15.59 -5.64
CA LEU A 218 -4.94 14.13 -5.58
C LEU A 218 -3.47 13.70 -5.50
N THR A 219 -3.06 13.25 -4.32
CA THR A 219 -1.65 13.03 -4.04
C THR A 219 -1.19 11.60 -4.43
N GLY A 220 -2.08 10.62 -4.32
CA GLY A 220 -1.75 9.22 -4.61
C GLY A 220 -1.92 8.82 -6.07
N THR A 221 -2.24 7.54 -6.28
CA THR A 221 -2.43 6.98 -7.62
C THR A 221 -3.89 7.09 -8.04
N ALA A 222 -4.12 7.57 -9.27
CA ALA A 222 -5.46 7.92 -9.74
C ALA A 222 -6.36 6.71 -9.93
N ARG A 223 -5.76 5.61 -10.35
CA ARG A 223 -6.50 4.37 -10.62
C ARG A 223 -7.22 3.83 -9.37
N TYR A 224 -6.58 3.91 -8.22
CA TYR A 224 -7.15 3.36 -6.97
C TYR A 224 -7.75 4.41 -6.03
N ALA A 225 -7.65 5.69 -6.40
CA ALA A 225 -8.13 6.79 -5.57
C ALA A 225 -9.63 6.73 -5.30
N SER A 226 -10.02 7.14 -4.09
CA SER A 226 -11.43 7.26 -3.76
C SER A 226 -12.08 8.38 -4.55
N ILE A 227 -13.40 8.30 -4.65
CA ILE A 227 -14.19 9.33 -5.33
C ILE A 227 -13.99 10.70 -4.67
N ASN A 228 -14.02 10.74 -3.34
CA ASN A 228 -13.82 12.03 -2.63
C ASN A 228 -12.44 12.63 -2.83
N ALA A 229 -11.42 11.78 -2.95
CA ALA A 229 -10.07 12.28 -3.23
C ALA A 229 -10.00 12.99 -4.61
N HIS A 230 -10.70 12.43 -5.60
CA HIS A 230 -10.80 13.06 -6.92
C HIS A 230 -11.41 14.46 -6.84
N LEU A 231 -12.44 14.61 -5.99
CA LEU A 231 -13.14 15.88 -5.79
C LEU A 231 -12.36 16.88 -4.94
N GLY A 232 -11.17 16.51 -4.49
CA GLY A 232 -10.29 17.41 -3.73
C GLY A 232 -10.60 17.45 -2.25
N ILE A 233 -11.44 16.54 -1.77
CA ILE A 233 -11.83 16.49 -0.36
C ILE A 233 -10.71 15.83 0.47
N GLU A 234 -10.47 16.38 1.66
CA GLU A 234 -9.49 15.85 2.60
C GLU A 234 -9.75 14.36 2.88
N GLN A 235 -8.69 13.57 2.77
CA GLN A 235 -8.78 12.14 2.92
C GLN A 235 -8.78 11.78 4.40
N SER A 236 -9.53 10.74 4.73
CA SER A 236 -9.54 10.18 6.08
C SER A 236 -9.50 8.66 5.95
N ARG A 237 -9.77 7.95 7.04
CA ARG A 237 -9.65 6.49 7.06
C ARG A 237 -10.46 5.78 5.97
N ARG A 238 -11.66 6.31 5.72
CA ARG A 238 -12.58 5.75 4.74
C ARG A 238 -11.98 5.69 3.33
N ASP A 239 -11.10 6.62 3.02
CA ASP A 239 -10.49 6.70 1.69
C ASP A 239 -9.45 5.60 1.44
N ASP A 240 -8.65 5.27 2.45
CA ASP A 240 -7.78 4.08 2.39
C ASP A 240 -8.61 2.81 2.14
N MET A 241 -9.76 2.71 2.79
CA MET A 241 -10.59 1.53 2.70
C MET A 241 -11.28 1.42 1.33
N GLU A 242 -11.80 2.54 0.83
CA GLU A 242 -12.33 2.59 -0.53
C GLU A 242 -11.30 2.16 -1.56
N SER A 243 -10.07 2.67 -1.41
CA SER A 243 -8.99 2.33 -2.31
C SER A 243 -8.67 0.85 -2.35
N LEU A 244 -8.60 0.23 -1.17
CA LEU A 244 -8.46 -1.23 -1.08
C LEU A 244 -9.56 -1.98 -1.85
N GLY A 245 -10.78 -1.46 -1.81
CA GLY A 245 -11.88 -2.04 -2.58
C GLY A 245 -11.62 -2.05 -4.08
N TYR A 246 -11.05 -0.97 -4.60
CA TYR A 246 -10.70 -0.90 -6.03
C TYR A 246 -9.54 -1.82 -6.37
N VAL A 247 -8.61 -2.00 -5.43
CA VAL A 247 -7.53 -2.99 -5.62
C VAL A 247 -8.08 -4.42 -5.68
N LEU A 248 -8.95 -4.78 -4.74
CA LEU A 248 -9.56 -6.11 -4.74
C LEU A 248 -10.30 -6.37 -6.06
N MET A 249 -11.09 -5.39 -6.51
CA MET A 249 -11.84 -5.52 -7.77
C MET A 249 -10.94 -5.50 -9.01
N TYR A 250 -9.80 -4.84 -8.92
CA TYR A 250 -8.76 -4.89 -9.94
C TYR A 250 -8.23 -6.33 -10.10
N PHE A 251 -7.91 -6.99 -8.99
CA PHE A 251 -7.52 -8.40 -9.01
C PHE A 251 -8.63 -9.32 -9.53
N ASN A 252 -9.86 -9.12 -9.09
CA ASN A 252 -11.00 -9.96 -9.51
C ASN A 252 -11.28 -9.83 -11.03
N ARG A 253 -11.40 -8.61 -11.52
CA ARG A 253 -11.74 -8.33 -12.92
C ARG A 253 -10.56 -8.48 -13.88
N THR A 254 -9.34 -8.31 -13.37
CA THR A 254 -8.09 -8.13 -14.14
C THR A 254 -7.86 -6.69 -14.62
N SER A 255 -8.91 -5.86 -14.65
CA SER A 255 -8.79 -4.45 -14.98
C SER A 255 -9.98 -3.68 -14.43
N LEU A 256 -9.82 -2.37 -14.29
CA LEU A 256 -10.93 -1.49 -13.89
C LEU A 256 -11.41 -0.68 -15.11
N PRO A 257 -12.71 -0.38 -15.19
CA PRO A 257 -13.26 0.27 -16.40
C PRO A 257 -12.76 1.69 -16.67
N TRP A 258 -12.11 2.30 -15.69
CA TRP A 258 -11.49 3.59 -15.85
C TRP A 258 -10.02 3.47 -16.25
N GLN A 259 -9.56 2.27 -16.61
CA GLN A 259 -8.23 2.10 -17.23
C GLN A 259 -8.25 2.43 -18.74
N GLY A 260 -7.07 2.69 -19.30
CA GLY A 260 -6.92 3.07 -20.71
C GLY A 260 -7.47 4.40 -21.21
N LEU A 261 -7.82 5.31 -20.32
CA LEU A 261 -8.36 6.62 -20.69
C LEU A 261 -7.25 7.63 -20.99
N LYS A 262 -7.53 8.53 -21.94
CA LYS A 262 -6.57 9.54 -22.40
C LYS A 262 -7.21 10.92 -22.42
N ALA A 263 -6.36 11.95 -22.31
CA ALA A 263 -6.79 13.34 -22.22
C ALA A 263 -5.60 14.25 -22.50
N ALA A 264 -5.88 15.53 -22.69
CA ALA A 264 -4.85 16.50 -23.09
C ALA A 264 -3.90 16.85 -21.95
N THR A 265 -4.38 16.78 -20.71
CA THR A 265 -3.59 17.13 -19.54
C THR A 265 -3.66 16.04 -18.48
N LYS A 266 -2.79 16.15 -17.48
CA LYS A 266 -2.86 15.37 -16.25
C LYS A 266 -4.22 15.54 -15.58
N LYS A 267 -4.57 16.80 -15.38
CA LYS A 267 -5.80 17.16 -14.68
C LYS A 267 -7.03 16.61 -15.40
N GLN A 268 -7.02 16.63 -16.73
CA GLN A 268 -8.19 16.17 -17.50
C GLN A 268 -8.29 14.64 -17.56
N LYS A 269 -7.14 13.95 -17.55
CA LYS A 269 -7.10 12.50 -17.38
C LYS A 269 -7.69 12.08 -16.02
N TYR A 270 -7.26 12.78 -14.95
CA TYR A 270 -7.80 12.59 -13.59
C TYR A 270 -9.30 12.87 -13.54
N GLU A 271 -9.75 13.88 -14.27
CA GLU A 271 -11.17 14.23 -14.32
C GLU A 271 -12.01 13.20 -15.07
N LYS A 272 -11.45 12.63 -16.13
CA LYS A 272 -12.09 11.50 -16.82
C LYS A 272 -12.17 10.25 -15.94
N ILE A 273 -11.09 9.96 -15.22
CA ILE A 273 -11.10 8.83 -14.28
C ILE A 273 -12.19 9.04 -13.22
N SER A 274 -12.21 10.23 -12.63
CA SER A 274 -13.24 10.59 -11.64
C SER A 274 -14.66 10.37 -12.17
N GLU A 275 -14.91 10.85 -13.38
CA GLU A 275 -16.26 10.80 -13.96
C GLU A 275 -16.69 9.35 -14.21
N LYS A 276 -15.75 8.54 -14.66
CA LYS A 276 -15.99 7.11 -14.87
C LYS A 276 -16.31 6.38 -13.55
N LYS A 277 -15.54 6.66 -12.50
CA LYS A 277 -15.81 6.11 -11.16
C LYS A 277 -17.19 6.49 -10.65
N MET A 278 -17.57 7.76 -10.82
CA MET A 278 -18.88 8.23 -10.35
C MET A 278 -20.07 7.72 -11.17
N SER A 279 -19.87 7.44 -12.46
CA SER A 279 -20.97 6.98 -13.32
C SER A 279 -21.09 5.46 -13.44
N THR A 280 -20.14 4.72 -12.85
CA THR A 280 -20.16 3.27 -12.82
C THR A 280 -20.76 2.82 -11.48
N PRO A 281 -21.97 2.21 -11.49
CA PRO A 281 -22.52 1.72 -10.21
C PRO A 281 -21.73 0.54 -9.67
N VAL A 282 -21.68 0.41 -8.34
CA VAL A 282 -20.86 -0.64 -7.72
C VAL A 282 -21.38 -2.04 -8.10
N GLU A 283 -22.69 -2.17 -8.30
CA GLU A 283 -23.30 -3.43 -8.71
C GLU A 283 -22.82 -3.83 -10.12
N VAL A 284 -22.60 -2.84 -10.99
CA VAL A 284 -22.05 -3.07 -12.33
C VAL A 284 -20.56 -3.43 -12.26
N LEU A 285 -19.80 -2.64 -11.49
CA LEU A 285 -18.37 -2.92 -11.26
C LEU A 285 -18.13 -4.34 -10.71
N CYS A 286 -19.01 -4.79 -9.82
CA CYS A 286 -18.86 -6.10 -9.16
C CYS A 286 -19.82 -7.18 -9.69
N LYS A 287 -20.33 -7.02 -10.91
CA LYS A 287 -21.26 -7.98 -11.50
C LYS A 287 -20.55 -9.30 -11.76
N GLY A 288 -21.22 -10.40 -11.40
CA GLY A 288 -20.65 -11.74 -11.55
C GLY A 288 -19.65 -12.18 -10.48
N PHE A 289 -19.58 -11.44 -9.37
CA PHE A 289 -18.72 -11.79 -8.24
C PHE A 289 -19.59 -11.89 -7.00
N PRO A 290 -19.10 -12.58 -5.95
CA PRO A 290 -19.91 -12.68 -4.73
C PRO A 290 -20.34 -11.30 -4.22
N ALA A 291 -21.54 -11.26 -3.66
CA ALA A 291 -22.18 -10.01 -3.19
C ALA A 291 -21.31 -9.21 -2.17
N GLU A 292 -20.46 -9.92 -1.44
CA GLU A 292 -19.56 -9.34 -0.43
C GLU A 292 -18.70 -8.20 -0.94
N PHE A 293 -18.26 -8.27 -2.19
CA PHE A 293 -17.42 -7.21 -2.77
C PHE A 293 -18.20 -5.90 -2.98
N ALA A 294 -19.44 -6.01 -3.45
CA ALA A 294 -20.31 -4.83 -3.56
C ALA A 294 -20.67 -4.29 -2.18
N MET A 295 -20.93 -5.17 -1.22
CA MET A 295 -21.20 -4.73 0.16
C MET A 295 -19.99 -3.95 0.74
N TYR A 296 -18.79 -4.48 0.55
CA TYR A 296 -17.57 -3.82 0.99
C TYR A 296 -17.52 -2.37 0.47
N LEU A 297 -17.72 -2.23 -0.85
CA LEU A 297 -17.60 -0.92 -1.49
C LEU A 297 -18.69 0.06 -1.06
N ASN A 298 -19.92 -0.44 -0.91
CA ASN A 298 -21.01 0.39 -0.41
C ASN A 298 -20.74 0.82 1.02
N TYR A 299 -20.31 -0.10 1.87
CA TYR A 299 -19.96 0.23 3.24
C TYR A 299 -18.90 1.35 3.30
N CYS A 300 -17.82 1.21 2.55
CA CYS A 300 -16.73 2.20 2.55
C CYS A 300 -17.12 3.61 2.04
N ARG A 301 -17.95 3.65 1.00
CA ARG A 301 -18.49 4.91 0.47
C ARG A 301 -19.47 5.55 1.45
N GLY A 302 -20.25 4.73 2.15
CA GLY A 302 -21.17 5.20 3.17
C GLY A 302 -20.54 5.79 4.42
N LEU A 303 -19.28 5.43 4.69
CA LEU A 303 -18.58 5.98 5.87
C LEU A 303 -18.49 7.52 5.83
N ARG A 304 -18.74 8.14 6.97
CA ARG A 304 -18.54 9.58 7.10
C ARG A 304 -17.06 9.86 7.39
N PHE A 305 -16.68 11.11 7.13
CA PHE A 305 -15.31 11.60 7.25
C PHE A 305 -14.62 11.19 8.56
N GLU A 306 -15.31 11.35 9.69
CA GLU A 306 -14.74 11.02 11.02
C GLU A 306 -14.93 9.58 11.47
N GLU A 307 -15.72 8.81 10.75
CA GLU A 307 -16.23 7.53 11.20
C GLU A 307 -15.19 6.41 11.11
N ALA A 308 -15.11 5.58 12.16
CA ALA A 308 -14.18 4.48 12.21
C ALA A 308 -14.72 3.35 11.36
N PRO A 309 -13.94 2.89 10.36
CA PRO A 309 -14.34 1.64 9.72
C PRO A 309 -14.43 0.52 10.76
N ASP A 310 -15.43 -0.34 10.63
CA ASP A 310 -15.52 -1.54 11.45
C ASP A 310 -14.72 -2.66 10.76
N TYR A 311 -13.41 -2.65 11.01
CA TYR A 311 -12.48 -3.58 10.38
C TYR A 311 -12.84 -5.03 10.66
N MET A 312 -13.31 -5.30 11.89
CA MET A 312 -13.66 -6.66 12.31
C MET A 312 -14.79 -7.18 11.44
N TYR A 313 -15.80 -6.34 11.22
CA TYR A 313 -16.93 -6.69 10.38
C TYR A 313 -16.53 -6.95 8.93
N LEU A 314 -15.63 -6.13 8.39
CA LEU A 314 -15.20 -6.28 7.00
C LEU A 314 -14.37 -7.54 6.81
N ARG A 315 -13.46 -7.82 7.74
CA ARG A 315 -12.74 -9.12 7.74
C ARG A 315 -13.72 -10.29 7.84
N GLN A 316 -14.70 -10.19 8.76
CA GLN A 316 -15.73 -11.23 8.92
C GLN A 316 -16.54 -11.47 7.63
N LEU A 317 -16.91 -10.39 6.96
CA LEU A 317 -17.66 -10.45 5.70
C LEU A 317 -16.95 -11.36 4.70
N PHE A 318 -15.64 -11.17 4.54
CA PHE A 318 -14.86 -11.95 3.58
C PHE A 318 -14.53 -13.36 4.09
N ARG A 319 -14.32 -13.49 5.41
CA ARG A 319 -14.03 -14.79 6.01
C ARG A 319 -15.21 -15.75 5.93
N ILE A 320 -16.43 -15.26 6.16
CA ILE A 320 -17.63 -16.13 6.07
C ILE A 320 -17.78 -16.62 4.63
N LEU A 321 -17.57 -15.74 3.65
CA LEU A 321 -17.54 -16.14 2.24
C LEU A 321 -16.48 -17.19 1.95
N PHE A 322 -15.27 -16.96 2.43
CA PHE A 322 -14.10 -17.84 2.21
C PHE A 322 -14.40 -19.26 2.70
N ARG A 323 -14.94 -19.36 3.91
CA ARG A 323 -15.28 -20.63 4.50
C ARG A 323 -16.54 -21.28 3.92
N THR A 324 -17.47 -20.48 3.38
CA THR A 324 -18.61 -20.99 2.62
C THR A 324 -18.18 -21.61 1.27
N LEU A 325 -17.08 -21.12 0.70
CA LEU A 325 -16.47 -21.72 -0.50
C LEU A 325 -15.55 -22.90 -0.16
N ASN A 326 -15.55 -23.33 1.11
CA ASN A 326 -14.75 -24.45 1.63
C ASN A 326 -13.23 -24.30 1.47
N HIS A 327 -12.76 -23.07 1.61
CA HIS A 327 -11.31 -22.81 1.60
C HIS A 327 -10.78 -22.78 3.02
N GLN A 328 -9.47 -22.98 3.16
CA GLN A 328 -8.79 -22.87 4.45
C GLN A 328 -7.58 -21.99 4.27
N TYR A 329 -7.25 -21.23 5.32
CA TYR A 329 -6.09 -20.34 5.34
C TYR A 329 -4.80 -21.15 5.49
N ASP A 330 -4.37 -21.79 4.39
CA ASP A 330 -3.13 -22.60 4.38
C ASP A 330 -1.99 -21.90 3.65
N TYR A 331 -2.25 -20.67 3.19
CA TYR A 331 -1.26 -19.87 2.48
C TYR A 331 -0.77 -20.49 1.18
N THR A 332 -1.63 -21.29 0.56
CA THR A 332 -1.41 -21.81 -0.77
C THR A 332 -2.04 -20.82 -1.73
N PHE A 333 -1.28 -19.77 -2.00
CA PHE A 333 -1.66 -18.75 -2.99
C PHE A 333 -1.45 -19.30 -4.43
N ASP A 334 -1.95 -18.56 -5.42
CA ASP A 334 -1.82 -18.97 -6.83
C ASP A 334 -0.37 -19.07 -7.30
N TRP A 335 0.48 -18.15 -6.82
CA TRP A 335 1.91 -18.23 -7.07
C TRP A 335 2.62 -19.40 -6.36
N THR A 336 2.08 -19.85 -5.23
CA THR A 336 2.61 -21.05 -4.55
C THR A 336 2.42 -22.30 -5.41
N MET A 337 1.27 -22.39 -6.09
CA MET A 337 0.96 -23.50 -7.02
C MET A 337 1.98 -23.56 -8.16
N LEU A 338 2.20 -22.41 -8.80
CA LEU A 338 3.13 -22.30 -9.93
C LEU A 338 4.61 -22.55 -9.58
N LYS A 339 5.03 -22.18 -8.37
CA LYS A 339 6.42 -22.39 -7.93
C LYS A 339 6.72 -23.87 -7.68
N GLN A 340 5.85 -24.55 -6.93
CA GLN A 340 6.07 -25.96 -6.56
C GLN A 340 5.93 -26.94 -7.74
N LYS A 341 5.14 -26.56 -8.75
CA LYS A 341 5.11 -27.28 -10.03
C LYS A 341 6.39 -27.04 -10.84
N ALA A 342 6.81 -25.78 -10.93
CA ALA A 342 8.05 -25.37 -11.62
C ALA A 342 8.10 -25.80 -13.09
S DMS B . -1.26 17.37 2.38
O DMS B . -1.51 18.25 1.22
C1 DMS B . 0.22 16.58 2.15
C2 DMS B . -0.84 18.29 3.75
S DMS C . 3.11 14.11 3.51
O DMS C . 2.18 12.99 3.65
C1 DMS C . 3.06 14.63 1.89
C2 DMS C . 2.46 15.44 4.38
C1 PGE D . -15.40 1.15 -21.06
O1 PGE D . -14.91 2.49 -20.86
C2 PGE D . -15.84 0.52 -19.73
O2 PGE D . -17.26 0.66 -19.56
C3 PGE D . -17.75 0.13 -18.33
C4 PGE D . -19.19 0.59 -18.09
O4 PGE D . -19.76 4.68 -17.76
C6 PGE D . -20.44 3.87 -16.80
C5 PGE D . -20.51 2.41 -17.25
O3 PGE D . -19.20 1.84 -17.37
C1 PGE E . 2.08 -15.49 8.81
O1 PGE E . 3.09 -16.11 9.60
C2 PGE E . 1.34 -14.47 9.66
O2 PGE E . 0.38 -13.81 8.85
C3 PGE E . -0.02 -12.56 9.43
C4 PGE E . -1.46 -12.21 9.05
O4 PGE E . -2.23 -15.66 11.48
C6 PGE E . -3.23 -14.81 10.90
C5 PGE E . -2.64 -13.44 10.57
O3 PGE E . -2.25 -13.34 9.21
C1 PGE F . -27.74 2.30 -0.42
O1 PGE F . -28.65 1.96 0.65
C2 PGE F . -26.34 1.82 -0.10
O2 PGE F . -25.40 2.68 -0.72
C3 PGE F . -24.16 2.69 -0.02
C4 PGE F . -23.62 4.11 0.09
O4 PGE F . -23.36 7.10 -3.56
C6 PGE F . -23.12 5.77 -3.04
C5 PGE F . -23.20 5.77 -1.52
O3 PGE F . -22.91 4.45 -1.09
C1 EDO G . 20.84 -13.82 10.59
O1 EDO G . 22.15 -13.31 10.86
C2 EDO G . 20.01 -13.76 11.86
O2 EDO G . 19.27 -12.54 11.90
C1 EDO H . -5.41 -10.33 11.27
O1 EDO H . -6.43 -9.85 12.14
C2 EDO H . -6.03 -10.98 10.05
O2 EDO H . -7.08 -11.89 10.40
C1 EDO I . 6.08 12.83 12.45
O1 EDO I . 5.64 12.21 13.67
C2 EDO I . 4.88 13.34 11.64
O2 EDO I . 3.74 13.66 12.45
C1 EDO J . -9.13 0.90 18.76
O1 EDO J . -10.20 1.39 19.56
C2 EDO J . -8.50 2.02 17.94
O2 EDO J . -7.31 2.46 18.58
C1 EDO K . -22.51 -15.43 -7.35
O1 EDO K . -22.91 -16.80 -7.23
C2 EDO K . -21.23 -15.33 -8.18
O2 EDO K . -20.15 -16.04 -7.57
C1 PEG L . -23.23 -1.73 7.71
O1 PEG L . -23.33 -0.46 8.37
C2 PEG L . -23.28 -2.87 8.71
O2 PEG L . -22.42 -2.59 9.80
C3 PEG L . -22.33 -3.69 10.69
C4 PEG L . -21.55 -3.27 11.94
O4 PEG L . -21.92 -4.13 13.02
C1 PEG M . -2.93 16.62 12.83
O1 PEG M . -1.64 17.17 13.07
C2 PEG M . -3.71 16.51 14.13
O2 PEG M . -5.07 16.95 13.95
C3 PEG M . -5.70 17.45 15.13
C4 PEG M . -6.56 18.66 14.81
O4 PEG M . -6.38 19.67 15.81
C1 PEG N . -13.05 10.88 21.15
O1 PEG N . -12.51 10.07 22.20
C2 PEG N . -13.04 10.12 19.82
O2 PEG N . -13.95 9.02 19.89
C3 PEG N . -14.70 8.90 18.70
C4 PEG N . -15.36 7.53 18.65
O4 PEG N . -16.25 7.37 19.75
C1 PEG O . 3.28 -1.03 19.51
O1 PEG O . 3.61 -1.11 20.90
C2 PEG O . 2.02 -1.85 19.24
O2 PEG O . 0.90 -0.98 19.07
C3 PEG O . -0.35 -1.59 19.39
C4 PEG O . -1.51 -0.70 18.95
O4 PEG O . -1.68 0.40 19.83
C1 PEG P . 26.78 0.91 -5.91
O1 PEG P . 27.71 1.89 -6.43
C2 PEG P . 25.35 1.33 -6.24
O2 PEG P . 25.00 2.48 -5.46
C3 PEG P . 24.98 3.71 -6.20
C4 PEG P . 24.99 4.88 -5.22
O4 PEG P . 24.96 6.14 -5.90
C1 PEG Q . -7.19 22.14 -5.78
O1 PEG Q . -8.22 23.08 -6.07
C2 PEG Q . -7.30 20.96 -6.72
O2 PEG Q . -8.59 20.38 -6.66
C3 PEG Q . -8.74 19.38 -7.64
C4 PEG Q . -10.03 18.61 -7.43
O4 PEG Q . -11.14 19.48 -7.61
O16 TCE R . 0.26 2.94 -18.08
O16 TCE R . 0.50 2.92 -18.21
C14 TCE R . 0.06 3.26 -16.90
C14 TCE R . 0.20 3.22 -17.03
O15 TCE R . 0.86 2.98 -15.98
O15 TCE R . 0.91 2.91 -16.04
C5 TCE R . -1.17 4.05 -16.57
C5 TCE R . -1.06 3.98 -16.79
C2 TCE R . -2.21 3.14 -15.95
C2 TCE R . -2.23 3.03 -16.82
P TCE R . -3.81 4.06 -15.85
P TCE R . -3.61 3.87 -15.92
C3 TCE R . -5.23 3.62 -16.94
C3 TCE R . -5.38 3.74 -16.41
C6 TCE R . -5.57 4.77 -17.85
C6 TCE R . -6.15 3.39 -15.13
C8 TCE R . -6.14 5.97 -17.10
C8 TCE R . -6.55 4.60 -14.29
O10 TCE R . -7.35 6.02 -16.83
O10 TCE R . -7.70 4.67 -13.84
O9 TCE R . -5.36 6.88 -16.81
O9 TCE R . -5.72 5.48 -14.05
C1 TCE R . -4.00 5.45 -14.64
C1 TCE R . -3.14 4.80 -14.41
C4 TCE R . -2.70 6.22 -14.42
C4 TCE R . -3.23 6.28 -14.74
C11 TCE R . -2.13 5.85 -13.07
C11 TCE R . -2.11 6.94 -13.99
O12 TCE R . -2.56 6.45 -12.06
O12 TCE R . -1.45 7.82 -14.58
O13 TCE R . -1.27 4.96 -12.99
O13 TCE R . -1.87 6.57 -12.82
F LCI S . 11.44 -1.53 1.94
C6 LCI S . 11.63 -2.50 1.05
C5 LCI S . 12.21 -3.70 1.42
N2 LCI S . 12.41 -4.71 0.50
C7 LCI S . 11.24 -2.33 -0.27
N5 LCI S . 11.44 -3.33 -1.19
C4 LCI S . 12.01 -4.53 -0.82
N1 LCI S . 12.20 -5.54 -1.78
C3 LCI S . 11.72 -5.34 -3.16
C2 LCI S . 12.47 -6.29 -4.09
C1 LCI S . 12.04 -6.04 -5.54
C16 LCI S . 10.20 -5.56 -3.29
C17 LCI S . 9.78 -5.28 -4.73
C LCI S . 10.53 -6.22 -5.70
N LCI S . 10.15 -5.91 -7.08
C8 LCI S . 10.62 -1.07 -0.74
C15 LCI S . 10.51 0.07 0.02
N4 LCI S . 9.89 0.98 -0.75
N3 LCI S . 9.62 0.47 -1.88
C14 LCI S . 8.94 1.20 -2.95
C9 LCI S . 10.05 -0.80 -1.94
C10 LCI S . 9.91 -1.74 -3.12
C11 LCI S . 11.03 -1.51 -4.12
C13 LCI S . 10.46 -1.46 -5.54
C12 LCI S . 10.81 -0.16 -4.81
#